data_2W7Z
#
_entry.id   2W7Z
#
_cell.length_a   36.930
_cell.length_b   63.139
_cell.length_c   94.619
_cell.angle_alpha   90.00
_cell.angle_beta   96.09
_cell.angle_gamma   90.00
#
_symmetry.space_group_name_H-M   'P 1 21 1'
#
loop_
_entity.id
_entity.type
_entity.pdbx_description
1 polymer 'PENTAPEPTIDE REPEAT FAMILY PROTEIN'
2 non-polymer 'CHLORIDE ION'
3 water water
#
_entity_poly.entity_id   1
_entity_poly.type   'polypeptide(L)'
_entity_poly.pdbx_seq_one_letter_code
;GSHM(LP6)ITYPLPPNLPEQLPLLTNCQLEDEAILENHLYQQIDLPNQEVRNLVFRDAVFDHLSLANGQFASFDCSNVR
FEACDFSNVEWLSGSFHRVTFLRCNLTGTNFADSYL(LP6)DCLFEDC(LP6)ADYASFRFANFNLVHFNQTRLVESEFF
EVTW(LP6)(LP6)LLLEACDLTESNWLNTSL(LP6)GLDFSQNTFERLTFSPNYLSGL(LP6)VTPEQAIYLASALGLV
IT
;
_entity_poly.pdbx_strand_id   A,B
#
# COMPACT_ATOMS: atom_id res chain seq x y z
N MET A 4 -29.04 13.99 5.99
CA MET A 4 -29.52 15.39 6.23
C MET A 4 -28.39 16.38 6.49
N ILE A 6 -26.25 19.71 7.79
CA ILE A 6 -25.92 20.29 9.09
C ILE A 6 -25.99 21.83 9.03
N THR A 7 -26.24 22.34 7.82
CA THR A 7 -26.40 23.78 7.62
C THR A 7 -27.81 24.04 7.10
N TYR A 8 -28.25 25.28 7.20
CA TYR A 8 -29.60 25.65 6.83
C TYR A 8 -29.82 25.41 5.33
N PRO A 9 -31.05 24.98 4.95
CA PRO A 9 -31.30 24.67 3.54
C PRO A 9 -31.39 25.98 2.75
N LEU A 10 -31.23 25.90 1.43
CA LEU A 10 -31.56 27.04 0.57
C LEU A 10 -33.07 27.29 0.65
N PRO A 11 -33.52 28.55 0.51
CA PRO A 11 -34.97 28.81 0.65
C PRO A 11 -35.79 28.06 -0.39
N GLU A 16 -43.37 31.20 -8.18
CA GLU A 16 -43.60 32.62 -7.89
C GLU A 16 -42.92 33.14 -6.62
N GLN A 17 -42.08 32.30 -6.02
CA GLN A 17 -41.31 32.70 -4.84
C GLN A 17 -40.32 33.83 -5.17
N LEU A 18 -39.72 33.77 -6.38
CA LEU A 18 -38.85 34.82 -6.92
C LEU A 18 -39.35 35.36 -8.27
N PRO A 19 -39.15 36.68 -8.52
CA PRO A 19 -39.55 37.21 -9.83
C PRO A 19 -38.69 36.61 -10.95
N LEU A 20 -39.34 36.32 -12.07
CA LEU A 20 -38.69 35.64 -13.21
C LEU A 20 -38.05 36.58 -14.21
N LEU A 21 -36.86 36.23 -14.68
CA LEU A 21 -36.25 36.86 -15.86
C LEU A 21 -35.85 35.79 -16.85
N THR A 22 -36.18 36.01 -18.13
CA THR A 22 -35.87 35.03 -19.18
C THR A 22 -34.86 35.55 -20.22
N ASN A 23 -34.30 36.71 -19.93
CA ASN A 23 -33.17 37.25 -20.66
C ASN A 23 -32.35 38.10 -19.74
N CYS A 24 -31.08 38.27 -20.09
CA CYS A 24 -30.22 39.17 -19.34
C CYS A 24 -28.91 39.35 -20.08
N GLN A 25 -28.15 40.34 -19.67
CA GLN A 25 -26.82 40.57 -20.21
C GLN A 25 -25.83 40.60 -19.06
N LEU A 26 -24.62 40.15 -19.32
CA LEU A 26 -23.58 40.16 -18.30
C LEU A 26 -22.62 41.28 -18.66
N GLU A 27 -22.13 41.95 -17.62
CA GLU A 27 -21.08 42.98 -17.81
C GLU A 27 -20.17 42.87 -16.61
N ASP A 28 -18.94 43.40 -16.72
CA ASP A 28 -18.06 43.45 -15.56
C ASP A 28 -18.81 44.04 -14.35
N GLU A 29 -18.61 43.40 -13.20
CA GLU A 29 -19.22 43.82 -11.91
C GLU A 29 -20.74 43.64 -11.82
N ALA A 30 -21.32 42.96 -12.81
CA ALA A 30 -22.75 42.72 -12.75
C ALA A 30 -23.11 41.82 -11.55
N ILE A 31 -24.23 42.15 -10.91
CA ILE A 31 -24.81 41.36 -9.82
C ILE A 31 -26.16 40.82 -10.27
N LEU A 32 -26.26 39.50 -10.33
CA LEU A 32 -27.53 38.83 -10.62
C LEU A 32 -28.04 38.26 -9.31
N GLU A 33 -29.17 38.79 -8.85
CA GLU A 33 -29.67 38.41 -7.54
C GLU A 33 -31.20 38.46 -7.44
N ASN A 34 -31.75 37.64 -6.55
CA ASN A 34 -33.17 37.80 -6.15
C ASN A 34 -34.14 37.59 -7.30
N HIS A 35 -33.75 36.76 -8.26
CA HIS A 35 -34.62 36.32 -9.36
C HIS A 35 -34.46 34.84 -9.66
N LEU A 36 -35.48 34.30 -10.34
CA LEU A 36 -35.37 33.06 -11.08
C LEU A 36 -34.99 33.44 -12.49
N TYR A 37 -33.79 33.04 -12.91
CA TYR A 37 -33.28 33.31 -14.26
C TYR A 37 -33.46 32.02 -15.04
N GLN A 38 -34.18 32.07 -16.16
CA GLN A 38 -34.60 30.84 -16.84
C GLN A 38 -34.47 30.94 -18.35
N GLN A 39 -33.88 29.89 -18.94
CA GLN A 39 -33.71 29.78 -20.38
C GLN A 39 -32.94 30.98 -20.94
N ILE A 40 -31.72 31.14 -20.45
CA ILE A 40 -30.86 32.26 -20.88
C ILE A 40 -29.59 31.64 -21.44
N ASP A 41 -29.31 31.95 -22.71
CA ASP A 41 -28.18 31.39 -23.41
C ASP A 41 -27.12 32.47 -23.54
N LEU A 42 -26.07 32.37 -22.73
CA LEU A 42 -25.01 33.36 -22.77
C LEU A 42 -23.63 32.71 -22.85
N PRO A 43 -23.35 32.05 -23.98
CA PRO A 43 -22.06 31.41 -24.15
C PRO A 43 -20.99 32.43 -24.49
N ASN A 44 -19.72 32.01 -24.36
CA ASN A 44 -18.58 32.78 -24.84
C ASN A 44 -18.45 34.18 -24.24
N GLN A 45 -18.88 34.32 -22.99
CA GLN A 45 -18.72 35.58 -22.27
C GLN A 45 -17.39 35.64 -21.54
N GLU A 46 -16.87 36.84 -21.41
CA GLU A 46 -15.66 37.09 -20.59
C GLU A 46 -16.02 38.29 -19.70
N VAL A 47 -16.25 38.01 -18.42
CA VAL A 47 -16.77 39.01 -17.50
C VAL A 47 -16.04 38.89 -16.17
N ARG A 48 -15.61 40.04 -15.63
CA ARG A 48 -14.85 40.10 -14.36
C ARG A 48 -15.71 40.47 -13.16
N ASN A 49 -15.40 39.85 -12.01
CA ASN A 49 -16.07 40.20 -10.75
C ASN A 49 -17.59 40.12 -10.83
N LEU A 50 -18.07 39.13 -11.56
CA LEU A 50 -19.49 38.79 -11.60
C LEU A 50 -19.94 38.25 -10.25
N VAL A 51 -21.16 38.62 -9.85
CA VAL A 51 -21.70 38.11 -8.60
C VAL A 51 -23.06 37.49 -8.91
N PHE A 52 -23.25 36.22 -8.52
CA PHE A 52 -24.57 35.54 -8.58
C PHE A 52 -24.93 35.27 -7.13
N ARG A 53 -26.09 35.75 -6.65
CA ARG A 53 -26.43 35.48 -5.23
C ARG A 53 -27.92 35.45 -4.99
N ASP A 54 -28.35 34.61 -4.03
CA ASP A 54 -29.73 34.61 -3.61
C ASP A 54 -30.67 34.47 -4.80
N ALA A 55 -30.43 33.44 -5.60
CA ALA A 55 -31.08 33.32 -6.89
C ALA A 55 -31.12 31.88 -7.33
N VAL A 56 -31.95 31.62 -8.34
CA VAL A 56 -32.03 30.30 -8.99
C VAL A 56 -31.80 30.51 -10.47
N PHE A 57 -31.01 29.63 -11.09
CA PHE A 57 -30.73 29.68 -12.54
C PHE A 57 -31.15 28.34 -13.11
N ASP A 58 -32.10 28.38 -14.02
CA ASP A 58 -32.68 27.18 -14.60
C ASP A 58 -32.44 27.25 -16.14
N HIS A 59 -31.71 26.28 -16.67
CA HIS A 59 -31.34 26.32 -18.10
C HIS A 59 -30.63 27.62 -18.47
N LEU A 60 -29.68 28.03 -17.64
CA LEU A 60 -28.70 29.04 -18.04
C LEU A 60 -27.56 28.31 -18.74
N SER A 61 -27.12 28.83 -19.88
CA SER A 61 -25.83 28.41 -20.45
C SER A 61 -24.80 29.51 -20.32
N LEU A 62 -23.62 29.16 -19.79
CA LEU A 62 -22.44 30.04 -19.82
C LEU A 62 -21.30 29.36 -20.55
N ALA A 63 -21.66 28.38 -21.39
CA ALA A 63 -20.70 27.53 -22.11
C ALA A 63 -19.52 28.34 -22.65
N ASN A 64 -18.31 27.85 -22.36
CA ASN A 64 -17.05 28.48 -22.78
C ASN A 64 -16.78 29.86 -22.18
N GLY A 65 -17.49 30.20 -21.10
CA GLY A 65 -17.29 31.47 -20.42
C GLY A 65 -15.95 31.55 -19.69
N GLN A 66 -15.47 32.78 -19.51
CA GLN A 66 -14.28 33.05 -18.72
C GLN A 66 -14.58 34.10 -17.67
N PHE A 67 -14.56 33.71 -16.40
CA PHE A 67 -15.04 34.59 -15.32
C PHE A 67 -13.97 34.83 -14.24
N ALA A 68 -13.38 36.02 -14.22
CA ALA A 68 -12.35 36.34 -13.22
C ALA A 68 -13.01 36.62 -11.87
N SER A 69 -12.48 36.01 -10.82
CA SER A 69 -12.94 36.23 -9.47
C SER A 69 -14.47 36.16 -9.34
N PHE A 70 -15.04 35.07 -9.85
CA PHE A 70 -16.49 34.83 -9.78
C PHE A 70 -16.89 34.62 -8.33
N ASP A 71 -18.05 35.17 -7.94
CA ASP A 71 -18.53 35.05 -6.57
C ASP A 71 -19.97 34.59 -6.64
N CYS A 72 -20.24 33.45 -6.01
CA CYS A 72 -21.54 32.81 -6.12
C CYS A 72 -21.97 32.37 -4.73
N SER A 73 -23.14 32.83 -4.26
CA SER A 73 -23.57 32.51 -2.91
C SER A 73 -25.09 32.34 -2.81
N ASN A 74 -25.51 31.29 -2.12
CA ASN A 74 -26.93 31.01 -1.93
C ASN A 74 -27.66 30.93 -3.27
N VAL A 75 -27.19 30.01 -4.11
CA VAL A 75 -27.70 29.87 -5.46
C VAL A 75 -27.99 28.41 -5.77
N ARG A 76 -29.08 28.16 -6.50
CA ARG A 76 -29.39 26.84 -7.11
C ARG A 76 -29.18 26.96 -8.60
N PHE A 77 -28.36 26.07 -9.16
CA PHE A 77 -28.20 25.95 -10.61
C PHE A 77 -28.87 24.66 -11.00
N GLU A 78 -29.91 24.74 -11.82
CA GLU A 78 -30.63 23.55 -12.26
C GLU A 78 -30.57 23.44 -13.79
N ALA A 79 -30.08 22.31 -14.29
CA ALA A 79 -30.01 22.09 -15.73
C ALA A 79 -29.30 23.22 -16.49
N CYS A 80 -28.18 23.68 -15.93
CA CYS A 80 -27.37 24.70 -16.57
C CYS A 80 -26.18 24.08 -17.31
N ASP A 81 -25.72 24.79 -18.35
CA ASP A 81 -24.58 24.36 -19.14
C ASP A 81 -23.38 25.22 -18.78
N PHE A 82 -22.42 24.62 -18.06
CA PHE A 82 -21.16 25.27 -17.75
C PHE A 82 -19.98 24.60 -18.44
N SER A 83 -20.26 23.90 -19.54
CA SER A 83 -19.19 23.20 -20.24
C SER A 83 -18.05 24.15 -20.60
N ASN A 84 -16.83 23.72 -20.31
CA ASN A 84 -15.61 24.50 -20.63
C ASN A 84 -15.55 25.90 -20.03
N VAL A 85 -16.34 26.14 -18.99
CA VAL A 85 -16.27 27.39 -18.25
C VAL A 85 -14.97 27.45 -17.43
N GLU A 86 -14.40 28.64 -17.34
CA GLU A 86 -13.29 28.90 -16.43
C GLU A 86 -13.77 29.77 -15.26
N TRP A 87 -13.83 29.18 -14.06
CA TRP A 87 -14.08 29.87 -12.80
C TRP A 87 -12.85 29.70 -11.90
N LEU A 88 -11.68 30.10 -12.41
CA LEU A 88 -10.44 29.98 -11.63
C LEU A 88 -10.50 30.89 -10.43
N SER A 89 -10.07 30.38 -9.26
CA SER A 89 -10.10 31.17 -8.04
C SER A 89 -11.50 31.73 -7.74
N GLY A 90 -12.53 30.97 -8.12
CA GLY A 90 -13.91 31.36 -7.80
C GLY A 90 -14.19 31.18 -6.33
N SER A 91 -15.31 31.73 -5.89
CA SER A 91 -15.74 31.64 -4.49
C SER A 91 -17.17 31.14 -4.54
N PHE A 92 -17.44 29.99 -3.91
CA PHE A 92 -18.78 29.41 -3.92
C PHE A 92 -19.19 29.13 -2.48
N HIS A 93 -20.30 29.72 -2.03
CA HIS A 93 -20.85 29.43 -0.69
C HIS A 93 -22.29 29.05 -0.84
N ARG A 94 -22.68 27.87 -0.34
CA ARG A 94 -24.09 27.49 -0.34
C ARG A 94 -24.66 27.48 -1.75
N VAL A 95 -24.08 26.62 -2.59
CA VAL A 95 -24.43 26.52 -4.01
C VAL A 95 -24.75 25.09 -4.35
N THR A 96 -25.86 24.88 -5.05
N THR A 96 -25.88 24.90 -5.03
CA THR A 96 -26.24 23.54 -5.50
CA THR A 96 -26.25 23.59 -5.55
C THR A 96 -26.27 23.48 -7.02
C THR A 96 -26.11 23.58 -7.06
N PHE A 97 -25.60 22.47 -7.56
CA PHE A 97 -25.56 22.20 -9.00
C PHE A 97 -26.34 20.91 -9.18
N LEU A 98 -27.49 21.04 -9.83
CA LEU A 98 -28.40 19.91 -10.05
C LEU A 98 -28.56 19.67 -11.55
N ARG A 99 -28.18 18.48 -12.02
CA ARG A 99 -28.28 18.12 -13.44
C ARG A 99 -27.62 19.13 -14.39
N CYS A 100 -26.47 19.66 -13.95
CA CYS A 100 -25.70 20.59 -14.75
C CYS A 100 -24.67 19.89 -15.61
N ASN A 101 -24.41 20.45 -16.79
CA ASN A 101 -23.30 20.01 -17.62
C ASN A 101 -22.04 20.74 -17.19
N LEU A 102 -21.14 19.99 -16.52
CA LEU A 102 -19.88 20.53 -16.03
C LEU A 102 -18.68 19.95 -16.78
N THR A 103 -18.90 19.58 -18.03
CA THR A 103 -17.84 18.94 -18.83
C THR A 103 -16.71 19.94 -19.02
N GLY A 104 -15.52 19.61 -18.50
CA GLY A 104 -14.35 20.48 -18.64
C GLY A 104 -14.39 21.76 -17.82
N THR A 105 -15.40 21.92 -16.98
CA THR A 105 -15.49 23.13 -16.17
C THR A 105 -14.27 23.21 -15.26
N ASN A 106 -13.65 24.40 -15.22
CA ASN A 106 -12.39 24.57 -14.51
C ASN A 106 -12.57 25.42 -13.24
N PHE A 107 -12.57 24.76 -12.08
CA PHE A 107 -12.68 25.39 -10.76
C PHE A 107 -11.31 25.59 -10.09
N ALA A 108 -10.21 25.45 -10.84
CA ALA A 108 -8.87 25.45 -10.24
C ALA A 108 -8.72 26.62 -9.27
N ASP A 109 -8.24 26.31 -8.07
CA ASP A 109 -7.87 27.31 -7.07
C ASP A 109 -9.11 27.92 -6.37
N SER A 110 -10.30 27.39 -6.65
CA SER A 110 -11.51 27.92 -6.03
C SER A 110 -11.65 27.52 -4.57
N TYR A 111 -12.56 28.22 -3.89
CA TYR A 111 -13.00 27.86 -2.55
C TYR A 111 -14.46 27.51 -2.65
N LEU A 112 -14.82 26.32 -2.17
CA LEU A 112 -16.20 25.86 -2.19
C LEU A 112 -16.59 25.52 -0.77
N ASP A 114 -19.90 24.53 1.56
CA ASP A 114 -21.30 24.11 1.57
C ASP A 114 -21.88 24.06 0.15
N CYS A 115 -21.28 23.22 -0.70
CA CYS A 115 -21.78 23.07 -2.09
C CYS A 115 -22.21 21.62 -2.30
N LEU A 116 -23.13 21.44 -3.23
CA LEU A 116 -23.64 20.11 -3.58
C LEU A 116 -23.62 19.99 -5.11
N PHE A 117 -23.09 18.86 -5.60
CA PHE A 117 -23.18 18.51 -7.03
C PHE A 117 -24.03 17.25 -7.10
N GLU A 118 -25.23 17.39 -7.66
CA GLU A 118 -26.21 16.30 -7.73
C GLU A 118 -26.52 15.95 -9.18
N ASP A 119 -26.25 14.69 -9.56
CA ASP A 119 -26.61 14.20 -10.89
C ASP A 119 -26.07 15.09 -12.03
N CYS A 120 -24.81 15.52 -11.87
CA CYS A 120 -24.15 16.32 -12.89
C CYS A 120 -23.24 15.48 -13.79
N ALA A 122 -19.77 15.64 -15.33
CA ALA A 122 -18.59 16.43 -15.00
C ALA A 122 -17.28 15.79 -15.47
N ASP A 123 -17.35 15.06 -16.58
N ASP A 123 -17.34 15.06 -16.58
CA ASP A 123 -16.16 14.58 -17.26
CA ASP A 123 -16.12 14.54 -17.19
C ASP A 123 -15.17 15.73 -17.36
C ASP A 123 -15.15 15.68 -17.47
N TYR A 124 -13.89 15.45 -17.10
CA TYR A 124 -12.80 16.43 -17.32
C TYR A 124 -12.84 17.69 -16.43
N ALA A 125 -13.79 17.74 -15.49
CA ALA A 125 -13.89 18.91 -14.62
C ALA A 125 -12.65 18.95 -13.76
N SER A 126 -12.16 20.16 -13.49
CA SER A 126 -10.99 20.33 -12.65
C SER A 126 -11.28 21.07 -11.36
N PHE A 127 -10.83 20.48 -10.26
CA PHE A 127 -10.81 21.12 -8.95
C PHE A 127 -9.36 21.22 -8.44
N ARG A 128 -8.41 21.17 -9.36
CA ARG A 128 -7.02 21.20 -8.96
C ARG A 128 -6.77 22.44 -8.07
N PHE A 129 -6.08 22.21 -6.96
CA PHE A 129 -5.71 23.26 -6.00
C PHE A 129 -6.89 23.89 -5.26
N ALA A 130 -8.08 23.29 -5.42
CA ALA A 130 -9.26 23.83 -4.75
C ALA A 130 -9.21 23.58 -3.25
N ASN A 131 -10.04 24.32 -2.54
CA ASN A 131 -10.19 24.16 -1.10
C ASN A 131 -11.67 23.89 -0.88
N PHE A 132 -11.99 22.73 -0.30
CA PHE A 132 -13.37 22.31 -0.07
C PHE A 132 -13.70 22.39 1.42
N ASN A 133 -14.89 22.92 1.75
CA ASN A 133 -15.34 22.95 3.13
C ASN A 133 -16.81 22.63 3.12
N LEU A 134 -17.11 21.35 3.33
CA LEU A 134 -18.45 20.78 3.21
C LEU A 134 -18.89 20.77 1.73
N VAL A 135 -18.45 19.73 1.01
CA VAL A 135 -18.76 19.62 -0.41
C VAL A 135 -19.18 18.18 -0.68
N HIS A 136 -20.34 18.01 -1.32
N HIS A 136 -20.32 18.05 -1.35
CA HIS A 136 -20.87 16.66 -1.55
CA HIS A 136 -20.98 16.77 -1.60
C HIS A 136 -21.19 16.43 -3.01
C HIS A 136 -21.04 16.55 -3.12
N PHE A 137 -20.54 15.40 -3.57
CA PHE A 137 -20.82 14.94 -4.94
C PHE A 137 -21.70 13.70 -4.86
N ASN A 138 -22.81 13.70 -5.60
CA ASN A 138 -23.71 12.56 -5.63
C ASN A 138 -24.14 12.25 -7.07
N GLN A 139 -23.98 10.99 -7.48
CA GLN A 139 -24.44 10.55 -8.81
C GLN A 139 -23.89 11.46 -9.93
N THR A 140 -22.62 11.84 -9.78
CA THR A 140 -21.98 12.80 -10.67
C THR A 140 -20.80 12.11 -11.37
N ARG A 141 -20.80 12.17 -12.70
CA ARG A 141 -19.77 11.51 -13.52
C ARG A 141 -18.52 12.38 -13.47
N LEU A 142 -17.41 11.80 -12.99
CA LEU A 142 -16.17 12.54 -12.75
C LEU A 142 -15.00 11.87 -13.48
N VAL A 143 -15.30 11.34 -14.67
CA VAL A 143 -14.30 10.62 -15.46
C VAL A 143 -13.22 11.60 -15.93
N GLU A 144 -11.95 11.24 -15.71
CA GLU A 144 -10.79 12.07 -16.11
C GLU A 144 -10.81 13.47 -15.47
N SER A 145 -11.46 13.57 -14.29
CA SER A 145 -11.50 14.81 -13.51
C SER A 145 -10.19 15.03 -12.78
N GLU A 146 -9.98 16.25 -12.30
CA GLU A 146 -8.79 16.61 -11.55
C GLU A 146 -9.14 17.00 -10.12
N PHE A 147 -8.56 16.26 -9.19
CA PHE A 147 -8.71 16.53 -7.76
C PHE A 147 -7.33 16.52 -7.09
N PHE A 148 -6.33 16.99 -7.82
CA PHE A 148 -4.98 16.99 -7.28
C PHE A 148 -4.66 18.27 -6.50
N GLU A 149 -3.89 18.10 -5.43
CA GLU A 149 -3.51 19.20 -4.55
C GLU A 149 -4.73 19.89 -3.93
N VAL A 150 -5.75 19.11 -3.61
CA VAL A 150 -7.00 19.63 -3.00
C VAL A 150 -6.90 19.55 -1.49
N THR A 151 -7.28 20.63 -0.81
CA THR A 151 -7.39 20.67 0.65
C THR A 151 -8.86 20.58 0.96
N TRP A 152 -9.25 19.69 1.87
CA TRP A 152 -10.69 19.52 2.09
C TRP A 152 -11.06 19.20 3.53
N LEU A 155 -15.71 16.44 2.77
CA LEU A 155 -15.89 16.06 1.40
C LEU A 155 -16.52 14.66 1.35
N LEU A 156 -17.60 14.54 0.58
CA LEU A 156 -18.29 13.28 0.40
C LEU A 156 -18.54 13.05 -1.09
N LEU A 157 -18.22 11.84 -1.57
CA LEU A 157 -18.60 11.43 -2.91
C LEU A 157 -19.36 10.12 -2.84
N GLU A 158 -20.53 10.08 -3.49
CA GLU A 158 -21.27 8.82 -3.55
C GLU A 158 -21.88 8.60 -4.92
N ALA A 159 -21.82 7.36 -5.40
CA ALA A 159 -22.39 6.97 -6.68
C ALA A 159 -21.81 7.78 -7.85
N CYS A 160 -20.53 8.11 -7.75
CA CYS A 160 -19.81 8.83 -8.80
C CYS A 160 -18.83 7.91 -9.52
N ASP A 161 -18.68 8.12 -10.83
CA ASP A 161 -17.66 7.43 -11.61
C ASP A 161 -16.38 8.26 -11.56
N LEU A 162 -15.37 7.71 -10.89
CA LEU A 162 -14.10 8.37 -10.67
C LEU A 162 -13.00 7.84 -11.60
N THR A 163 -13.39 7.11 -12.65
CA THR A 163 -12.42 6.47 -13.52
C THR A 163 -11.44 7.50 -14.08
N GLU A 164 -10.15 7.21 -13.90
CA GLU A 164 -9.05 8.05 -14.42
C GLU A 164 -9.01 9.47 -13.83
N SER A 165 -9.74 9.68 -12.73
CA SER A 165 -9.59 10.92 -11.98
C SER A 165 -8.20 10.94 -11.36
N ASN A 166 -7.75 12.16 -11.02
CA ASN A 166 -6.42 12.34 -10.50
C ASN A 166 -6.43 13.01 -9.14
N TRP A 167 -5.86 12.31 -8.16
CA TRP A 167 -5.89 12.71 -6.76
C TRP A 167 -4.48 12.92 -6.17
N LEU A 168 -3.49 13.17 -7.04
CA LEU A 168 -2.12 13.36 -6.56
C LEU A 168 -2.07 14.43 -5.49
N ASN A 169 -1.33 14.17 -4.42
CA ASN A 169 -1.13 15.12 -3.33
C ASN A 169 -2.40 15.60 -2.63
N THR A 170 -3.44 14.78 -2.70
CA THR A 170 -4.68 15.00 -1.97
C THR A 170 -4.86 13.86 -0.98
N SER A 171 -5.15 14.22 0.27
CA SER A 171 -5.37 13.24 1.33
C SER A 171 -6.63 12.43 1.03
N LEU A 172 -6.50 11.11 1.11
CA LEU A 172 -7.63 10.22 0.93
C LEU A 172 -8.14 9.66 2.26
N GLY A 174 -10.20 9.23 5.30
CA GLY A 174 -11.56 9.61 5.67
C GLY A 174 -12.54 9.69 4.52
N LEU A 175 -12.05 9.53 3.28
CA LEU A 175 -12.93 9.44 2.12
C LEU A 175 -13.45 8.01 1.94
N ASP A 176 -14.59 7.86 1.29
CA ASP A 176 -15.13 6.53 1.05
C ASP A 176 -15.35 6.38 -0.45
N PHE A 177 -14.47 5.64 -1.11
CA PHE A 177 -14.62 5.41 -2.54
C PHE A 177 -15.40 4.12 -2.80
N SER A 178 -15.67 3.34 -1.75
CA SER A 178 -16.36 2.05 -1.91
C SER A 178 -17.77 2.20 -2.46
N GLN A 179 -18.35 3.39 -2.25
CA GLN A 179 -19.70 3.73 -2.70
C GLN A 179 -19.68 4.42 -4.08
N ASN A 180 -18.48 4.47 -4.68
CA ASN A 180 -18.24 5.01 -6.02
C ASN A 180 -17.63 3.93 -6.92
N THR A 181 -17.36 4.25 -8.19
CA THR A 181 -16.69 3.28 -9.07
C THR A 181 -15.49 3.92 -9.76
N PHE A 182 -14.46 3.10 -10.01
CA PHE A 182 -13.35 3.51 -10.87
C PHE A 182 -12.62 2.28 -11.39
N GLU A 183 -12.34 2.28 -12.69
CA GLU A 183 -11.53 1.23 -13.32
C GLU A 183 -10.07 1.38 -12.86
N ARG A 184 -9.68 2.64 -12.69
CA ARG A 184 -8.34 3.01 -12.23
C ARG A 184 -8.44 4.49 -11.84
N LEU A 185 -7.44 4.94 -11.10
CA LEU A 185 -7.26 6.38 -10.83
C LEU A 185 -5.82 6.62 -10.39
N THR A 186 -5.42 7.88 -10.36
CA THR A 186 -4.06 8.26 -9.95
C THR A 186 -4.07 8.89 -8.55
N PHE A 187 -3.16 8.43 -7.71
CA PHE A 187 -3.07 8.89 -6.33
C PHE A 187 -1.62 8.91 -5.87
N SER A 188 -1.41 9.50 -4.70
CA SER A 188 -0.12 9.52 -4.04
C SER A 188 -0.06 8.45 -2.92
N PRO A 189 0.90 7.51 -3.03
CA PRO A 189 1.01 6.47 -1.97
C PRO A 189 1.00 6.98 -0.53
N ASN A 190 1.63 8.13 -0.27
CA ASN A 190 1.75 8.61 1.12
C ASN A 190 0.47 9.28 1.63
N TYR A 191 -0.56 9.33 0.78
CA TYR A 191 -1.81 10.01 1.09
C TYR A 191 -2.97 9.00 1.08
N LEU A 192 -2.63 7.71 0.96
CA LEU A 192 -3.63 6.66 0.76
C LEU A 192 -4.28 6.12 2.04
N SER A 193 -3.51 6.02 3.13
CA SER A 193 -4.03 5.40 4.36
C SER A 193 -5.33 6.07 4.79
N GLY A 194 -6.30 5.23 5.14
CA GLY A 194 -7.56 5.71 5.68
C GLY A 194 -8.69 5.85 4.67
N LEU A 195 -8.38 5.60 3.39
CA LEU A 195 -9.40 5.54 2.35
C LEU A 195 -10.20 4.24 2.49
N VAL A 197 -12.53 1.45 0.66
CA VAL A 197 -12.65 0.94 -0.72
C VAL A 197 -13.25 -0.48 -0.70
N THR A 198 -13.72 -0.93 -1.87
CA THR A 198 -14.10 -2.35 -2.06
C THR A 198 -12.85 -3.21 -2.30
N PRO A 199 -12.95 -4.55 -2.12
CA PRO A 199 -11.80 -5.41 -2.43
C PRO A 199 -11.27 -5.25 -3.86
N GLU A 200 -12.16 -5.12 -4.85
CA GLU A 200 -11.74 -4.94 -6.24
C GLU A 200 -10.92 -3.65 -6.40
N GLN A 201 -11.40 -2.59 -5.76
CA GLN A 201 -10.66 -1.33 -5.76
C GLN A 201 -9.31 -1.46 -5.07
N ALA A 202 -9.28 -2.22 -3.98
CA ALA A 202 -8.06 -2.46 -3.22
C ALA A 202 -7.00 -3.20 -4.05
N ILE A 203 -7.45 -4.16 -4.86
CA ILE A 203 -6.55 -4.87 -5.79
C ILE A 203 -5.91 -3.89 -6.80
N TYR A 204 -6.71 -3.02 -7.39
CA TYR A 204 -6.14 -1.95 -8.24
C TYR A 204 -5.07 -1.15 -7.50
N LEU A 205 -5.43 -0.63 -6.32
CA LEU A 205 -4.53 0.23 -5.55
C LEU A 205 -3.27 -0.53 -5.17
N ALA A 206 -3.42 -1.79 -4.75
CA ALA A 206 -2.28 -2.64 -4.44
C ALA A 206 -1.31 -2.80 -5.60
N SER A 207 -1.84 -3.04 -6.80
N SER A 207 -1.83 -3.04 -6.81
CA SER A 207 -1.01 -3.16 -8.00
CA SER A 207 -0.94 -3.16 -7.98
C SER A 207 -0.32 -1.84 -8.34
C SER A 207 -0.27 -1.82 -8.29
N ALA A 208 -1.02 -0.73 -8.09
CA ALA A 208 -0.46 0.62 -8.32
C ALA A 208 0.65 0.98 -7.34
N LEU A 209 0.61 0.32 -6.17
CA LEU A 209 1.69 0.43 -5.18
C LEU A 209 2.88 -0.47 -5.51
N GLY A 210 2.76 -1.27 -6.57
CA GLY A 210 3.89 -2.06 -7.05
C GLY A 210 3.89 -3.53 -6.65
N LEU A 211 2.81 -3.97 -6.00
CA LEU A 211 2.65 -5.40 -5.72
C LEU A 211 2.39 -6.14 -7.02
N VAL A 212 3.05 -7.28 -7.17
CA VAL A 212 2.92 -8.11 -8.35
C VAL A 212 1.93 -9.20 -7.96
N ILE A 213 0.71 -9.10 -8.45
CA ILE A 213 -0.37 -9.94 -7.96
C ILE A 213 -0.66 -11.05 -8.95
N THR A 214 -0.64 -12.28 -8.47
CA THR A 214 -0.86 -13.44 -9.34
C THR A 214 -2.32 -13.54 -9.76
N THR B 7 18.47 -19.77 -9.68
CA THR B 7 19.71 -20.39 -9.13
C THR B 7 19.47 -20.87 -7.69
N TYR B 8 19.70 -22.17 -7.46
CA TYR B 8 19.54 -22.77 -6.13
C TYR B 8 20.86 -22.71 -5.39
N PRO B 9 20.79 -22.72 -4.04
CA PRO B 9 22.04 -22.73 -3.27
C PRO B 9 22.81 -24.00 -3.63
N LEU B 10 24.14 -23.93 -3.69
CA LEU B 10 24.93 -25.14 -3.82
C LEU B 10 24.75 -25.99 -2.58
N PRO B 11 24.57 -27.31 -2.78
CA PRO B 11 24.51 -28.21 -1.63
C PRO B 11 25.90 -28.32 -1.02
N PRO B 12 26.00 -28.87 0.19
CA PRO B 12 27.33 -29.12 0.73
C PRO B 12 28.15 -30.05 -0.16
N ASN B 13 29.42 -29.71 -0.33
CA ASN B 13 30.34 -30.52 -1.12
C ASN B 13 30.75 -31.75 -0.31
N LEU B 14 30.05 -32.87 -0.54
CA LEU B 14 30.24 -34.12 0.20
C LEU B 14 30.45 -35.37 -0.68
N PRO B 15 31.31 -36.28 -0.20
CA PRO B 15 31.44 -37.58 -0.87
C PRO B 15 30.23 -38.48 -0.56
N GLU B 16 30.06 -39.55 -1.33
CA GLU B 16 28.96 -40.49 -1.05
C GLU B 16 29.14 -41.15 0.31
N GLN B 17 30.38 -41.52 0.63
CA GLN B 17 30.66 -42.26 1.85
C GLN B 17 31.52 -41.43 2.80
N LEU B 18 31.04 -41.27 4.04
CA LEU B 18 31.81 -40.64 5.14
C LEU B 18 31.89 -41.57 6.35
N PRO B 19 33.07 -41.68 6.98
CA PRO B 19 33.20 -42.58 8.14
C PRO B 19 32.33 -42.19 9.34
N LEU B 20 31.65 -43.17 9.92
CA LEU B 20 30.66 -42.97 11.00
C LEU B 20 31.25 -42.81 12.40
N LEU B 21 30.84 -41.75 13.11
CA LEU B 21 31.18 -41.58 14.53
C LEU B 21 29.88 -41.34 15.28
N THR B 22 29.77 -41.92 16.48
CA THR B 22 28.53 -41.87 17.24
C THR B 22 28.66 -41.07 18.54
N ASN B 23 29.83 -40.46 18.70
CA ASN B 23 30.12 -39.57 19.81
C ASN B 23 31.07 -38.49 19.33
N CYS B 24 31.04 -37.34 19.98
CA CYS B 24 32.04 -36.31 19.75
C CYS B 24 32.13 -35.38 20.94
N GLN B 25 33.21 -34.61 20.95
CA GLN B 25 33.47 -33.65 22.01
C GLN B 25 33.61 -32.30 21.36
N LEU B 26 33.15 -31.27 22.08
CA LEU B 26 33.30 -29.89 21.63
C LEU B 26 34.32 -29.21 22.51
N GLU B 27 35.28 -28.58 21.87
CA GLU B 27 36.20 -27.69 22.58
C GLU B 27 36.28 -26.41 21.78
N ASP B 28 36.65 -25.33 22.46
CA ASP B 28 37.01 -24.10 21.78
C ASP B 28 38.01 -24.39 20.66
N GLU B 29 37.76 -23.76 19.50
CA GLU B 29 38.62 -23.89 18.32
C GLU B 29 38.67 -25.30 17.72
N ALA B 30 37.89 -26.21 18.30
CA ALA B 30 37.78 -27.58 17.78
C ALA B 30 37.25 -27.58 16.34
N ILE B 31 37.73 -28.54 15.55
CA ILE B 31 37.28 -28.71 14.19
C ILE B 31 36.63 -30.09 14.10
N LEU B 32 35.37 -30.14 13.70
CA LEU B 32 34.71 -31.42 13.44
C LEU B 32 34.52 -31.50 11.94
N GLU B 33 35.16 -32.48 11.31
CA GLU B 33 35.21 -32.56 9.85
C GLU B 33 35.31 -34.00 9.34
N ASN B 34 34.89 -34.21 8.09
CA ASN B 34 35.19 -35.45 7.36
C ASN B 34 34.57 -36.73 7.94
N HIS B 35 33.47 -36.58 8.67
CA HIS B 35 32.73 -37.73 9.20
C HIS B 35 31.23 -37.53 9.13
N LEU B 36 30.53 -38.65 9.28
CA LEU B 36 29.12 -38.66 9.60
C LEU B 36 29.03 -38.79 11.11
N TYR B 37 28.48 -37.77 11.76
CA TYR B 37 28.31 -37.75 13.21
C TYR B 37 26.86 -38.05 13.53
N GLN B 38 26.61 -39.10 14.30
CA GLN B 38 25.22 -39.61 14.44
C GLN B 38 24.78 -39.87 15.88
N GLN B 39 23.60 -39.35 16.24
CA GLN B 39 22.98 -39.58 17.55
C GLN B 39 23.89 -39.08 18.67
N ILE B 40 24.09 -37.77 18.72
CA ILE B 40 24.94 -37.15 19.74
C ILE B 40 24.12 -36.07 20.44
N ASP B 41 24.08 -36.13 21.77
CA ASP B 41 23.26 -35.21 22.54
C ASP B 41 24.15 -34.36 23.43
N LEU B 42 24.38 -33.10 23.01
CA LEU B 42 25.28 -32.20 23.73
C LEU B 42 24.54 -30.90 24.08
N PRO B 43 23.57 -30.98 25.01
CA PRO B 43 22.77 -29.78 25.34
C PRO B 43 23.55 -28.78 26.22
N ASN B 44 23.16 -27.50 26.11
CA ASN B 44 23.63 -26.45 27.04
C ASN B 44 25.16 -26.28 27.11
N GLN B 45 25.78 -26.29 25.93
CA GLN B 45 27.21 -26.06 25.80
C GLN B 45 27.48 -24.59 25.46
N GLU B 46 28.68 -24.12 25.81
CA GLU B 46 29.16 -22.79 25.47
C GLU B 46 30.58 -22.95 24.95
N VAL B 47 30.74 -22.82 23.64
CA VAL B 47 32.01 -23.15 22.98
C VAL B 47 32.31 -22.16 21.86
N ARG B 48 33.50 -21.55 21.90
CA ARG B 48 33.93 -20.46 21.02
C ARG B 48 34.73 -20.98 19.83
N ASN B 49 34.57 -20.36 18.66
CA ASN B 49 35.45 -20.60 17.51
C ASN B 49 35.39 -22.01 16.95
N LEU B 50 34.24 -22.66 17.09
CA LEU B 50 34.04 -24.00 16.55
C LEU B 50 34.09 -23.95 15.03
N VAL B 51 34.64 -25.02 14.42
CA VAL B 51 34.57 -25.19 12.97
C VAL B 51 33.92 -26.54 12.72
N PHE B 52 32.78 -26.53 12.03
CA PHE B 52 32.14 -27.77 11.51
C PHE B 52 32.29 -27.71 10.01
N ARG B 53 32.92 -28.71 9.38
CA ARG B 53 33.04 -28.63 7.92
C ARG B 53 33.10 -30.00 7.27
N ASP B 54 32.63 -30.06 6.02
CA ASP B 54 32.83 -31.24 5.19
C ASP B 54 32.33 -32.48 5.96
N ALA B 55 31.12 -32.39 6.48
CA ALA B 55 30.58 -33.40 7.36
C ALA B 55 29.06 -33.41 7.35
N VAL B 56 28.50 -34.52 7.82
CA VAL B 56 27.06 -34.66 8.02
C VAL B 56 26.80 -34.93 9.51
N PHE B 57 25.78 -34.26 10.06
CA PHE B 57 25.37 -34.48 11.45
C PHE B 57 23.93 -34.90 11.43
N ASP B 58 23.67 -36.07 12.00
CA ASP B 58 22.36 -36.72 11.96
C ASP B 58 21.92 -36.93 13.41
N HIS B 59 20.82 -36.29 13.81
CA HIS B 59 20.36 -36.37 15.19
C HIS B 59 21.45 -35.92 16.20
N LEU B 60 22.08 -34.80 15.87
CA LEU B 60 22.88 -34.02 16.84
C LEU B 60 21.95 -33.06 17.57
N SER B 61 22.00 -33.03 18.90
CA SER B 61 21.36 -31.94 19.65
C SER B 61 22.40 -31.02 20.25
N LEU B 62 22.25 -29.73 19.98
CA LEU B 62 23.00 -28.67 20.65
C LEU B 62 22.03 -27.73 21.37
N ALA B 63 20.83 -28.24 21.70
CA ALA B 63 19.78 -27.43 22.32
C ALA B 63 20.34 -26.55 23.43
N ASN B 64 19.96 -25.27 23.35
CA ASN B 64 20.34 -24.24 24.33
C ASN B 64 21.84 -23.96 24.38
N GLY B 65 22.52 -24.28 23.28
CA GLY B 65 23.95 -24.00 23.14
C GLY B 65 24.21 -22.55 22.77
N GLN B 66 25.45 -22.12 23.03
CA GLN B 66 25.97 -20.78 22.72
C GLN B 66 27.34 -20.90 22.03
N PHE B 67 27.38 -20.58 20.74
CA PHE B 67 28.55 -20.80 19.88
C PHE B 67 29.04 -19.54 19.18
N ALA B 68 29.91 -18.80 19.88
CA ALA B 68 30.46 -17.55 19.36
C ALA B 68 31.45 -17.82 18.23
N SER B 69 31.46 -16.92 17.24
CA SER B 69 32.34 -17.03 16.07
C SER B 69 32.33 -18.43 15.44
N PHE B 70 31.12 -18.97 15.27
CA PHE B 70 30.90 -20.28 14.67
C PHE B 70 31.16 -20.22 13.16
N ASP B 71 31.83 -21.24 12.63
CA ASP B 71 32.19 -21.32 11.21
C ASP B 71 31.70 -22.68 10.71
N CYS B 72 30.86 -22.67 9.68
CA CYS B 72 30.27 -23.90 9.20
C CYS B 72 30.31 -23.85 7.68
N SER B 73 30.87 -24.89 7.07
CA SER B 73 30.98 -24.93 5.61
C SER B 73 30.87 -26.36 5.09
N ASN B 74 30.11 -26.54 4.01
CA ASN B 74 29.95 -27.86 3.39
C ASN B 74 29.48 -28.92 4.39
N VAL B 75 28.36 -28.63 5.05
CA VAL B 75 27.79 -29.49 6.07
C VAL B 75 26.32 -29.66 5.80
N ARG B 76 25.82 -30.86 6.01
CA ARG B 76 24.37 -31.08 6.10
C ARG B 76 24.02 -31.49 7.51
N PHE B 77 23.10 -30.75 8.12
CA PHE B 77 22.50 -31.11 9.39
C PHE B 77 21.15 -31.78 9.10
N GLU B 78 20.99 -33.02 9.56
CA GLU B 78 19.75 -33.81 9.35
C GLU B 78 19.12 -34.15 10.69
N ALA B 79 17.87 -33.73 10.89
CA ALA B 79 17.13 -34.07 12.09
C ALA B 79 17.91 -33.69 13.35
N CYS B 80 18.50 -32.49 13.33
CA CYS B 80 19.27 -31.96 14.48
C CYS B 80 18.41 -31.01 15.31
N ASP B 81 18.72 -30.92 16.61
CA ASP B 81 17.99 -30.04 17.51
C ASP B 81 18.88 -28.85 17.82
N PHE B 82 18.50 -27.70 17.29
CA PHE B 82 19.22 -26.43 17.54
C PHE B 82 18.31 -25.43 18.25
N SER B 83 17.29 -25.93 18.93
N SER B 83 17.30 -25.94 18.95
CA SER B 83 16.32 -25.07 19.61
CA SER B 83 16.36 -25.12 19.72
C SER B 83 17.02 -24.13 20.58
C SER B 83 17.11 -24.11 20.55
N ASN B 84 16.73 -22.85 20.42
CA ASN B 84 17.29 -21.75 21.24
C ASN B 84 18.80 -21.50 21.13
N VAL B 85 19.46 -22.17 20.18
CA VAL B 85 20.90 -22.00 19.97
C VAL B 85 21.26 -20.56 19.61
N GLU B 86 22.37 -20.06 20.16
CA GLU B 86 22.93 -18.76 19.76
C GLU B 86 24.12 -18.89 18.79
N TRP B 87 23.88 -18.48 17.54
CA TRP B 87 24.89 -18.42 16.49
C TRP B 87 25.08 -16.97 16.02
N LEU B 88 25.35 -16.08 16.96
CA LEU B 88 25.52 -14.65 16.64
C LEU B 88 26.78 -14.47 15.78
N SER B 89 26.63 -13.76 14.65
CA SER B 89 27.77 -13.49 13.75
C SER B 89 28.43 -14.78 13.28
N GLY B 90 27.61 -15.81 13.06
CA GLY B 90 28.10 -17.08 12.53
C GLY B 90 28.42 -16.93 11.05
N SER B 91 29.13 -17.91 10.50
CA SER B 91 29.40 -17.98 9.06
C SER B 91 28.93 -19.35 8.60
N PHE B 92 28.10 -19.38 7.56
CA PHE B 92 27.53 -20.61 7.05
C PHE B 92 27.67 -20.56 5.54
N HIS B 93 28.36 -21.54 4.97
CA HIS B 93 28.64 -21.61 3.54
C HIS B 93 28.40 -23.03 3.04
N ARG B 94 27.50 -23.18 2.06
CA ARG B 94 27.18 -24.51 1.52
C ARG B 94 26.72 -25.41 2.66
N VAL B 95 25.65 -24.95 3.34
CA VAL B 95 25.06 -25.68 4.45
C VAL B 95 23.60 -25.97 4.20
N THR B 96 23.21 -27.20 4.51
CA THR B 96 21.80 -27.55 4.51
C THR B 96 21.29 -27.92 5.91
N PHE B 97 20.20 -27.30 6.31
CA PHE B 97 19.47 -27.72 7.49
C PHE B 97 18.24 -28.47 7.01
N LEU B 98 18.21 -29.78 7.28
CA LEU B 98 17.12 -30.65 6.80
C LEU B 98 16.37 -31.26 7.98
N ARG B 99 15.07 -31.00 8.06
CA ARG B 99 14.23 -31.51 9.15
C ARG B 99 14.83 -31.21 10.54
N CYS B 100 15.35 -29.99 10.67
CA CYS B 100 15.95 -29.56 11.95
C CYS B 100 14.97 -28.73 12.78
N ASN B 101 15.11 -28.85 14.10
CA ASN B 101 14.40 -27.99 15.03
C ASN B 101 15.23 -26.74 15.25
N LEU B 102 14.74 -25.63 14.68
CA LEU B 102 15.40 -24.32 14.76
C LEU B 102 14.54 -23.34 15.56
N THR B 103 13.69 -23.91 16.44
CA THR B 103 12.77 -23.08 17.22
C THR B 103 13.59 -22.11 18.07
N GLY B 104 13.38 -20.81 17.88
CA GLY B 104 14.14 -19.82 18.66
C GLY B 104 15.63 -19.69 18.33
N THR B 105 16.09 -20.36 17.29
CA THR B 105 17.53 -20.28 16.98
C THR B 105 17.87 -18.86 16.55
N ASN B 106 18.94 -18.32 17.13
CA ASN B 106 19.37 -16.95 16.93
C ASN B 106 20.57 -16.85 15.98
N PHE B 107 20.32 -16.48 14.74
CA PHE B 107 21.40 -16.28 13.78
C PHE B 107 21.76 -14.81 13.59
N ALA B 108 21.36 -13.94 14.52
CA ALA B 108 21.58 -12.49 14.31
C ALA B 108 23.02 -12.16 13.86
N ASP B 109 23.12 -11.27 12.89
CA ASP B 109 24.41 -10.78 12.36
C ASP B 109 25.24 -11.83 11.59
N SER B 110 24.65 -12.99 11.32
CA SER B 110 25.37 -14.04 10.60
C SER B 110 25.47 -13.77 9.11
N TYR B 111 26.38 -14.51 8.47
N TYR B 111 26.43 -14.44 8.48
CA TYR B 111 26.60 -14.50 7.04
CA TYR B 111 26.56 -14.46 7.03
C TYR B 111 26.25 -15.88 6.50
C TYR B 111 26.16 -15.87 6.59
N LEU B 112 25.26 -15.93 5.62
CA LEU B 112 24.82 -17.18 5.06
C LEU B 112 24.96 -17.11 3.54
N ASP B 114 24.86 -19.72 0.10
CA ASP B 114 24.50 -21.06 -0.37
C ASP B 114 24.00 -21.93 0.79
N CYS B 115 22.91 -21.48 1.39
CA CYS B 115 22.28 -22.22 2.49
C CYS B 115 20.85 -22.62 2.17
N LEU B 116 20.47 -23.80 2.65
CA LEU B 116 19.13 -24.34 2.44
C LEU B 116 18.55 -24.75 3.77
N PHE B 117 17.32 -24.30 4.01
CA PHE B 117 16.52 -24.75 5.16
C PHE B 117 15.31 -25.51 4.59
N GLU B 118 15.32 -26.83 4.74
CA GLU B 118 14.31 -27.68 4.12
C GLU B 118 13.53 -28.44 5.18
N ASP B 119 12.21 -28.20 5.25
CA ASP B 119 11.33 -28.91 6.16
C ASP B 119 11.76 -28.75 7.62
N CYS B 120 12.20 -27.52 7.96
CA CYS B 120 12.57 -27.22 9.37
C CYS B 120 11.44 -26.58 10.16
N ALA B 122 11.04 -23.58 12.46
CA ALA B 122 11.87 -22.42 12.76
C ALA B 122 11.04 -21.26 13.34
N ASP B 123 9.97 -21.59 14.07
CA ASP B 123 9.19 -20.56 14.76
C ASP B 123 10.13 -19.78 15.68
N TYR B 124 9.96 -18.46 15.70
CA TYR B 124 10.77 -17.58 16.55
C TYR B 124 12.26 -17.48 16.19
N ALA B 125 12.73 -18.18 15.14
CA ALA B 125 14.11 -18.04 14.67
C ALA B 125 14.42 -16.59 14.28
N SER B 126 15.62 -16.15 14.60
CA SER B 126 16.05 -14.80 14.28
C SER B 126 17.17 -14.75 13.26
N PHE B 127 16.95 -13.96 12.22
CA PHE B 127 17.98 -13.61 11.24
C PHE B 127 18.22 -12.08 11.25
N ARG B 128 17.97 -11.45 12.38
CA ARG B 128 18.11 -10.00 12.48
C ARG B 128 19.50 -9.59 12.02
N PHE B 129 19.56 -8.62 11.10
CA PHE B 129 20.82 -8.07 10.57
C PHE B 129 21.69 -9.10 9.83
N ALA B 130 21.11 -10.24 9.47
CA ALA B 130 21.86 -11.26 8.74
C ALA B 130 22.17 -10.77 7.33
N ASN B 131 23.18 -11.38 6.73
CA ASN B 131 23.52 -11.13 5.35
C ASN B 131 23.34 -12.46 4.60
N PHE B 132 22.45 -12.47 3.61
CA PHE B 132 22.09 -13.66 2.84
C PHE B 132 22.62 -13.55 1.42
N ASN B 133 23.16 -14.65 0.89
CA ASN B 133 23.53 -14.69 -0.53
C ASN B 133 23.23 -16.11 -0.96
N LEU B 134 22.14 -16.28 -1.71
CA LEU B 134 21.70 -17.61 -2.17
C LEU B 134 21.27 -18.44 -0.96
N VAL B 135 20.11 -18.07 -0.45
CA VAL B 135 19.57 -18.73 0.73
C VAL B 135 18.14 -19.11 0.38
N HIS B 136 17.79 -20.36 0.62
CA HIS B 136 16.49 -20.92 0.24
C HIS B 136 15.84 -21.52 1.48
N PHE B 137 14.62 -21.09 1.76
CA PHE B 137 13.76 -21.68 2.80
C PHE B 137 12.65 -22.43 2.07
N ASN B 138 12.55 -23.74 2.32
CA ASN B 138 11.61 -24.60 1.62
C ASN B 138 10.82 -25.39 2.66
N GLN B 139 9.49 -25.23 2.69
CA GLN B 139 8.63 -26.00 3.62
C GLN B 139 9.05 -25.82 5.07
N THR B 140 9.44 -24.60 5.40
CA THR B 140 9.94 -24.32 6.73
C THR B 140 8.97 -23.39 7.48
N ARG B 141 8.64 -23.76 8.71
CA ARG B 141 7.70 -22.98 9.52
C ARG B 141 8.47 -21.81 10.12
N LEU B 142 8.00 -20.58 9.89
CA LEU B 142 8.73 -19.38 10.28
C LEU B 142 7.81 -18.39 11.04
N VAL B 143 6.88 -18.95 11.81
CA VAL B 143 5.93 -18.12 12.55
C VAL B 143 6.67 -17.30 13.58
N GLU B 144 6.36 -16.00 13.61
CA GLU B 144 6.96 -15.04 14.54
C GLU B 144 8.51 -15.04 14.45
N SER B 145 9.04 -15.38 13.27
CA SER B 145 10.48 -15.29 13.02
C SER B 145 10.87 -13.84 12.81
N GLU B 146 12.18 -13.58 12.80
CA GLU B 146 12.70 -12.23 12.65
C GLU B 146 13.60 -12.16 11.42
N PHE B 147 13.12 -11.41 10.42
CA PHE B 147 13.89 -11.05 9.23
C PHE B 147 14.08 -9.52 9.19
N PHE B 148 14.47 -8.96 10.33
CA PHE B 148 14.62 -7.52 10.50
C PHE B 148 15.95 -7.04 9.91
N GLU B 149 15.87 -6.04 9.02
CA GLU B 149 17.05 -5.42 8.41
C GLU B 149 18.05 -6.46 7.91
N VAL B 150 17.53 -7.37 7.07
CA VAL B 150 18.34 -8.38 6.41
C VAL B 150 18.82 -7.85 5.07
N THR B 151 20.10 -8.03 4.80
CA THR B 151 20.69 -7.70 3.50
C THR B 151 20.73 -8.98 2.70
N TRP B 152 20.15 -9.01 1.51
CA TRP B 152 20.04 -10.28 0.79
C TRP B 152 20.21 -10.16 -0.71
N LEU B 155 17.41 -14.65 -2.39
CA LEU B 155 16.66 -15.24 -1.27
C LEU B 155 15.37 -15.79 -1.87
N LEU B 156 15.07 -17.05 -1.55
CA LEU B 156 13.83 -17.70 -2.00
C LEU B 156 13.15 -18.34 -0.82
N LEU B 157 11.83 -18.18 -0.73
CA LEU B 157 11.07 -18.90 0.28
C LEU B 157 9.90 -19.53 -0.41
N GLU B 158 9.71 -20.82 -0.22
CA GLU B 158 8.55 -21.49 -0.82
C GLU B 158 7.93 -22.44 0.19
N ALA B 159 6.60 -22.45 0.22
CA ALA B 159 5.85 -23.37 1.10
C ALA B 159 6.15 -23.17 2.60
N CYS B 160 6.48 -21.92 2.95
CA CYS B 160 6.77 -21.54 4.33
C CYS B 160 5.61 -20.82 4.98
N ASP B 161 5.46 -21.03 6.29
CA ASP B 161 4.48 -20.25 7.05
C ASP B 161 5.18 -19.04 7.63
N LEU B 162 4.83 -17.87 7.10
CA LEU B 162 5.47 -16.61 7.50
C LEU B 162 4.63 -15.77 8.45
N THR B 163 3.58 -16.37 9.01
CA THR B 163 2.65 -15.63 9.87
C THR B 163 3.39 -14.94 10.99
N GLU B 164 3.16 -13.63 11.11
CA GLU B 164 3.72 -12.79 12.17
C GLU B 164 5.21 -12.60 12.08
N SER B 165 5.81 -13.01 10.96
CA SER B 165 7.24 -12.78 10.79
C SER B 165 7.47 -11.27 10.63
N ASN B 166 8.63 -10.82 11.05
CA ASN B 166 9.00 -9.40 11.04
C ASN B 166 9.98 -9.10 9.92
N TRP B 167 9.53 -8.33 8.95
CA TRP B 167 10.37 -7.97 7.81
C TRP B 167 10.70 -6.47 7.78
N LEU B 168 10.55 -5.78 8.92
CA LEU B 168 10.88 -4.35 8.94
C LEU B 168 12.30 -4.12 8.43
N ASN B 169 12.49 -3.05 7.66
CA ASN B 169 13.83 -2.64 7.18
C ASN B 169 14.50 -3.60 6.22
N THR B 170 13.71 -4.50 5.66
CA THR B 170 14.19 -5.48 4.69
C THR B 170 13.45 -5.29 3.37
N SER B 171 14.22 -5.26 2.28
CA SER B 171 13.64 -5.12 0.95
C SER B 171 12.83 -6.35 0.59
N LEU B 172 11.62 -6.13 0.07
CA LEU B 172 10.78 -7.24 -0.38
C LEU B 172 10.68 -7.27 -1.91
N GLY B 174 11.26 -8.14 -5.44
CA GLY B 174 11.74 -9.35 -6.10
C GLY B 174 11.59 -10.63 -5.31
N LEU B 175 11.01 -10.57 -4.11
CA LEU B 175 10.63 -11.79 -3.40
C LEU B 175 9.27 -12.30 -3.88
N ASP B 176 9.03 -13.58 -3.68
CA ASP B 176 7.79 -14.18 -4.12
C ASP B 176 7.19 -14.83 -2.89
N PHE B 177 6.19 -14.16 -2.29
CA PHE B 177 5.49 -14.71 -1.12
C PHE B 177 4.23 -15.47 -1.51
N SER B 178 3.90 -15.46 -2.80
CA SER B 178 2.68 -16.09 -3.30
C SER B 178 2.63 -17.60 -3.11
N GLN B 179 3.79 -18.20 -2.94
CA GLN B 179 3.89 -19.64 -2.75
C GLN B 179 4.10 -19.99 -1.28
N ASN B 180 3.91 -18.98 -0.43
CA ASN B 180 3.96 -19.11 1.04
C ASN B 180 2.64 -18.70 1.64
N THR B 181 2.50 -18.85 2.95
CA THR B 181 1.29 -18.38 3.61
C THR B 181 1.65 -17.44 4.74
N PHE B 182 0.82 -16.44 4.92
CA PHE B 182 0.93 -15.59 6.09
C PHE B 182 -0.44 -15.02 6.36
N GLU B 183 -0.85 -15.09 7.62
CA GLU B 183 -2.10 -14.48 8.06
C GLU B 183 -1.88 -13.07 8.58
N ARG B 184 -0.64 -12.78 8.94
CA ARG B 184 -0.16 -11.47 9.41
C ARG B 184 1.28 -11.32 8.96
N LEU B 185 1.70 -10.08 8.75
CA LEU B 185 3.11 -9.82 8.41
C LEU B 185 3.47 -8.41 8.83
N THR B 186 4.66 -8.24 9.40
CA THR B 186 5.17 -6.92 9.75
C THR B 186 6.18 -6.51 8.67
N PHE B 187 6.03 -5.30 8.13
CA PHE B 187 6.90 -4.89 7.02
C PHE B 187 7.01 -3.36 6.94
N SER B 188 8.01 -2.90 6.19
CA SER B 188 8.20 -1.46 5.91
C SER B 188 7.51 -1.08 4.60
N PRO B 189 6.54 -0.12 4.65
CA PRO B 189 5.83 0.31 3.44
C PRO B 189 6.75 0.70 2.28
N ASN B 190 7.88 1.34 2.57
CA ASN B 190 8.83 1.79 1.54
C ASN B 190 9.66 0.67 0.90
N TYR B 191 9.52 -0.54 1.44
CA TYR B 191 10.24 -1.71 0.97
C TYR B 191 9.31 -2.78 0.36
N LEU B 192 8.04 -2.43 0.21
CA LEU B 192 7.02 -3.35 -0.29
C LEU B 192 6.95 -3.53 -1.82
N SER B 193 7.16 -2.45 -2.56
CA SER B 193 7.00 -2.50 -4.01
C SER B 193 7.86 -3.61 -4.63
N GLY B 194 7.28 -4.40 -5.52
CA GLY B 194 8.04 -5.45 -6.21
C GLY B 194 7.89 -6.84 -5.59
N LEU B 195 7.18 -6.92 -4.46
CA LEU B 195 6.83 -8.23 -3.87
C LEU B 195 5.74 -8.91 -4.69
N VAL B 197 2.69 -11.63 -4.83
CA VAL B 197 1.72 -12.10 -3.84
C VAL B 197 0.46 -12.60 -4.54
N THR B 198 -0.35 -13.40 -3.82
CA THR B 198 -1.71 -13.69 -4.29
C THR B 198 -2.67 -12.52 -4.01
N PRO B 199 -3.83 -12.49 -4.70
CA PRO B 199 -4.85 -11.49 -4.38
C PRO B 199 -5.19 -11.43 -2.87
N GLU B 200 -5.34 -12.59 -2.22
CA GLU B 200 -5.66 -12.62 -0.79
C GLU B 200 -4.60 -11.91 0.04
N GLN B 201 -3.33 -12.21 -0.27
CA GLN B 201 -2.22 -11.55 0.40
C GLN B 201 -2.21 -10.07 0.09
N ALA B 202 -2.48 -9.71 -1.17
CA ALA B 202 -2.51 -8.28 -1.56
C ALA B 202 -3.53 -7.51 -0.72
N ILE B 203 -4.72 -8.12 -0.56
CA ILE B 203 -5.78 -7.54 0.25
C ILE B 203 -5.32 -7.32 1.69
N TYR B 204 -4.68 -8.34 2.28
CA TYR B 204 -4.13 -8.18 3.63
C TYR B 204 -3.14 -7.04 3.69
N LEU B 205 -2.19 -7.04 2.75
CA LEU B 205 -1.17 -5.99 2.74
C LEU B 205 -1.76 -4.59 2.59
N ALA B 206 -2.74 -4.48 1.70
CA ALA B 206 -3.42 -3.20 1.49
C ALA B 206 -4.11 -2.72 2.77
N SER B 207 -4.76 -3.64 3.47
N SER B 207 -4.75 -3.65 3.46
CA SER B 207 -5.37 -3.34 4.77
CA SER B 207 -5.36 -3.39 4.76
C SER B 207 -4.29 -2.89 5.78
C SER B 207 -4.31 -2.92 5.77
N ALA B 208 -3.15 -3.57 5.77
CA ALA B 208 -2.05 -3.24 6.70
C ALA B 208 -1.51 -1.83 6.45
N LEU B 209 -1.55 -1.40 5.18
CA LEU B 209 -1.14 -0.05 4.76
C LEU B 209 -2.16 1.03 5.16
N GLY B 210 -3.31 0.58 5.66
CA GLY B 210 -4.31 1.52 6.16
C GLY B 210 -5.56 1.70 5.32
N LEU B 211 -5.66 0.95 4.22
CA LEU B 211 -6.93 0.93 3.48
C LEU B 211 -8.01 0.25 4.32
N VAL B 212 -9.19 0.84 4.30
CA VAL B 212 -10.37 0.25 4.94
C VAL B 212 -11.16 -0.49 3.86
N ILE B 213 -11.08 -1.83 3.88
CA ILE B 213 -11.63 -2.61 2.79
C ILE B 213 -12.94 -3.25 3.21
N THR B 214 -13.99 -3.02 2.42
CA THR B 214 -15.31 -3.60 2.72
C THR B 214 -15.29 -5.12 2.60
#